data_6GYH
#
_entry.id   6GYH
#
_cell.length_a   78.078
_cell.length_b   78.078
_cell.length_c   143.951
_cell.angle_alpha   90.00
_cell.angle_beta   90.00
_cell.angle_gamma   120.00
#
_symmetry.space_group_name_H-M   'H 3'
#
loop_
_entity.id
_entity.type
_entity.pdbx_description
1 polymer 'Family A G protein-coupled receptor-like protein'
2 non-polymer RETINAL
3 non-polymer CHOLESTEROL
4 non-polymer '(2S)-2,3-dihydroxypropyl (9Z)-octadec-9-enoate'
5 water water
#
_entity_poly.entity_id   1
_entity_poly.type   'polypeptide(L)'
_entity_poly.pdbx_seq_one_letter_code
;MAVHQIGEGGLVMYWVTFGLMAFSALAFAVMTFTRPLNKRSHGYITLAIVTIAAIAYYAMAASGGKALVSNPDGNLRDIY
YARYIDWFFTTPLLLLDIILLTGIPIGVTLWIVLADVAMIMLGLFGALSTNSYRWGYYGVSCAFFFVVLWGLFFPGAKGA
RARGGQVPGLYFGLAGYLALLWFGYPIVWGLAEGSDYISVTAEAASYAGLDIAAKVVFGWAVMLSHPLIAHHHHHH
;
_entity_poly.pdbx_strand_id   A
#
# COMPACT_ATOMS: atom_id res chain seq x y z
N ALA A 2 21.50 -17.78 -10.88
CA ALA A 2 21.97 -16.99 -9.71
C ALA A 2 20.84 -16.92 -8.66
N VAL A 3 21.22 -16.60 -7.43
CA VAL A 3 20.27 -16.47 -6.32
C VAL A 3 20.27 -14.98 -5.98
N HIS A 4 19.11 -14.35 -6.10
CA HIS A 4 18.96 -12.93 -5.87
C HIS A 4 18.22 -12.75 -4.56
N GLN A 5 18.94 -12.25 -3.57
CA GLN A 5 18.43 -12.00 -2.24
C GLN A 5 18.84 -10.63 -1.78
N ILE A 6 18.26 -10.22 -0.66
CA ILE A 6 18.50 -8.90 -0.08
C ILE A 6 19.93 -8.77 0.48
N GLY A 7 20.52 -7.56 0.34
CA GLY A 7 21.78 -7.19 0.98
C GLY A 7 21.54 -6.40 2.26
N GLU A 8 22.63 -5.89 2.84
CA GLU A 8 22.61 -5.11 4.09
C GLU A 8 21.81 -3.82 4.00
N GLY A 9 21.95 -3.10 2.89
CA GLY A 9 21.21 -1.87 2.62
C GLY A 9 19.71 -2.02 2.66
N GLY A 10 19.23 -3.16 2.15
CA GLY A 10 17.82 -3.52 2.17
C GLY A 10 17.34 -3.85 3.57
N LEU A 11 18.11 -4.67 4.30
CA LEU A 11 17.77 -4.99 5.70
C LEU A 11 17.72 -3.78 6.62
N VAL A 12 18.65 -2.82 6.45
CA VAL A 12 18.63 -1.60 7.25
CA VAL A 12 18.65 -1.59 7.24
C VAL A 12 17.39 -0.80 6.89
N MET A 13 17.06 -0.73 5.58
CA MET A 13 15.83 -0.04 5.15
C MET A 13 14.57 -0.68 5.76
N TYR A 14 14.55 -2.00 5.87
CA TYR A 14 13.48 -2.68 6.60
C TYR A 14 13.39 -2.27 8.08
N TRP A 15 14.53 -2.17 8.76
CA TRP A 15 14.56 -1.75 10.17
C TRP A 15 14.17 -0.28 10.33
N VAL A 16 14.70 0.59 9.46
CA VAL A 16 14.35 2.03 9.45
C VAL A 16 12.83 2.15 9.27
N THR A 17 12.32 1.49 8.22
CA THR A 17 10.90 1.54 7.90
C THR A 17 10.04 0.95 9.03
N PHE A 18 10.49 -0.15 9.64
CA PHE A 18 9.84 -0.68 10.84
C PHE A 18 9.70 0.37 11.96
N GLY A 19 10.82 1.03 12.28
CA GLY A 19 10.85 2.10 13.27
C GLY A 19 9.89 3.25 12.99
N LEU A 20 9.86 3.70 11.74
CA LEU A 20 8.92 4.74 11.31
C LEU A 20 7.44 4.33 11.46
N MET A 21 7.12 3.11 11.02
CA MET A 21 5.75 2.60 11.14
C MET A 21 5.38 2.43 12.60
N ALA A 22 6.28 1.84 13.39
CA ALA A 22 6.03 1.52 14.78
C ALA A 22 5.85 2.79 15.63
N PHE A 23 6.71 3.79 15.39
CA PHE A 23 6.59 5.10 16.04
C PHE A 23 5.26 5.74 15.70
N SER A 24 4.95 5.77 14.41
CA SER A 24 3.67 6.29 13.92
C SER A 24 2.48 5.56 14.57
N ALA A 25 2.57 4.24 14.72
CA ALA A 25 1.50 3.44 15.36
C ALA A 25 1.23 3.86 16.82
N LEU A 26 2.30 3.96 17.62
CA LEU A 26 2.17 4.44 19.00
C LEU A 26 1.58 5.86 19.08
N ALA A 27 2.11 6.79 18.26
CA ALA A 27 1.61 8.18 18.18
C ALA A 27 0.13 8.21 17.87
N PHE A 28 -0.25 7.54 16.79
CA PHE A 28 -1.63 7.49 16.34
C PHE A 28 -2.56 6.78 17.31
N ALA A 29 -2.05 5.83 18.08
CA ALA A 29 -2.81 5.20 19.17
C ALA A 29 -3.13 6.23 20.24
N VAL A 30 -2.14 7.06 20.64
CA VAL A 30 -2.33 8.16 21.60
C VAL A 30 -3.41 9.12 21.07
N MET A 31 -3.16 9.62 19.86
CA MET A 31 -4.08 10.56 19.22
C MET A 31 -5.52 10.03 19.08
N THR A 32 -5.67 8.73 18.81
CA THR A 32 -7.01 8.11 18.61
C THR A 32 -7.75 7.88 19.95
N PHE A 33 -7.11 7.23 20.92
CA PHE A 33 -7.76 6.97 22.22
C PHE A 33 -7.94 8.24 23.11
N THR A 34 -7.27 9.34 22.72
CA THR A 34 -7.60 10.72 23.16
C THR A 34 -9.02 11.13 22.75
N ARG A 35 -9.32 11.00 21.47
CA ARG A 35 -10.57 11.46 20.87
C ARG A 35 -11.79 10.67 21.39
N PRO A 36 -13.00 11.29 21.41
CA PRO A 36 -14.22 10.58 21.86
C PRO A 36 -14.66 9.47 20.89
N LEU A 37 -15.22 8.38 21.42
CA LEU A 37 -15.63 7.17 20.64
C LEU A 37 -16.25 7.37 19.25
N ASN A 38 -17.15 8.34 19.14
CA ASN A 38 -17.81 8.72 17.87
C ASN A 38 -16.93 9.50 16.86
N LYS A 39 -15.74 9.96 17.27
CA LYS A 39 -14.76 10.65 16.41
C LYS A 39 -13.51 9.85 16.04
N ARG A 40 -13.53 8.53 16.21
CA ARG A 40 -12.29 7.71 16.11
C ARG A 40 -12.00 7.06 14.75
N SER A 41 -12.93 7.16 13.80
CA SER A 41 -12.89 6.39 12.54
C SER A 41 -11.58 6.45 11.74
N HIS A 42 -11.21 7.66 11.34
CA HIS A 42 -9.94 7.90 10.66
C HIS A 42 -8.71 7.55 11.54
N GLY A 43 -8.87 7.67 12.86
CA GLY A 43 -7.86 7.27 13.82
C GLY A 43 -7.60 5.78 13.78
N TYR A 44 -8.68 5.00 13.98
CA TYR A 44 -8.63 3.53 13.98
C TYR A 44 -8.04 3.02 12.66
N ILE A 45 -8.54 3.54 11.54
CA ILE A 45 -8.11 3.15 10.22
C ILE A 45 -6.61 3.42 10.00
N THR A 46 -6.17 4.64 10.35
CA THR A 46 -4.80 5.05 10.14
C THR A 46 -3.83 4.32 11.08
N LEU A 47 -4.27 4.11 12.34
CA LEU A 47 -3.57 3.25 13.30
C LEU A 47 -3.35 1.83 12.77
N ALA A 48 -4.41 1.25 12.20
CA ALA A 48 -4.38 -0.10 11.66
C ALA A 48 -3.41 -0.23 10.46
N ILE A 49 -3.37 0.80 9.62
CA ILE A 49 -2.49 0.85 8.47
C ILE A 49 -1.02 0.69 8.88
N VAL A 50 -0.55 1.59 9.72
CA VAL A 50 0.85 1.61 10.18
C VAL A 50 1.20 0.49 11.18
N THR A 51 0.22 -0.01 11.94
CA THR A 51 0.45 -1.17 12.80
C THR A 51 0.73 -2.44 11.96
N ILE A 52 -0.09 -2.66 10.93
CA ILE A 52 0.04 -3.81 10.04
C ILE A 52 1.36 -3.72 9.25
N ALA A 53 1.63 -2.55 8.69
CA ALA A 53 2.91 -2.30 8.04
C ALA A 53 4.13 -2.50 8.99
N ALA A 54 4.01 -2.05 10.24
CA ALA A 54 5.05 -2.31 11.24
C ALA A 54 5.27 -3.80 11.43
N ILE A 55 4.19 -4.58 11.53
CA ILE A 55 4.30 -6.05 11.68
C ILE A 55 4.99 -6.69 10.45
N ALA A 56 4.52 -6.33 9.27
CA ALA A 56 5.14 -6.80 8.01
C ALA A 56 6.65 -6.42 7.89
N TYR A 57 6.99 -5.17 8.19
CA TYR A 57 8.38 -4.71 8.13
C TYR A 57 9.29 -5.40 9.16
N TYR A 58 8.80 -5.59 10.38
CA TYR A 58 9.51 -6.41 11.36
C TYR A 58 9.80 -7.82 10.79
N ALA A 59 8.77 -8.44 10.20
CA ALA A 59 8.86 -9.79 9.69
C ALA A 59 9.94 -9.92 8.62
N MET A 60 9.91 -8.98 7.69
CA MET A 60 10.87 -8.92 6.58
C MET A 60 12.29 -8.60 7.08
N ALA A 61 12.38 -7.67 8.06
CA ALA A 61 13.66 -7.36 8.71
C ALA A 61 14.25 -8.56 9.47
N ALA A 62 13.38 -9.38 10.02
CA ALA A 62 13.76 -10.60 10.74
C ALA A 62 13.87 -11.84 9.83
N SER A 63 13.98 -11.64 8.51
CA SER A 63 14.17 -12.69 7.49
C SER A 63 12.98 -13.64 7.31
N GLY A 64 11.77 -13.19 7.64
CA GLY A 64 10.55 -13.93 7.35
C GLY A 64 9.81 -13.31 6.19
N GLY A 65 8.71 -13.95 5.83
CA GLY A 65 7.81 -13.42 4.83
C GLY A 65 8.30 -13.43 3.39
N LYS A 66 9.25 -14.31 3.10
CA LYS A 66 9.82 -14.42 1.76
C LYS A 66 9.99 -15.87 1.36
N ALA A 67 9.98 -16.13 0.05
CA ALA A 67 10.29 -17.43 -0.48
C ALA A 67 11.06 -17.23 -1.76
N LEU A 68 12.00 -18.12 -2.03
CA LEU A 68 12.79 -18.11 -3.24
C LEU A 68 11.91 -18.69 -4.34
N VAL A 69 11.76 -17.95 -5.42
CA VAL A 69 10.91 -18.35 -6.55
C VAL A 69 11.72 -18.22 -7.84
N SER A 70 11.59 -19.22 -8.70
CA SER A 70 12.29 -19.24 -9.97
C SER A 70 11.64 -18.21 -10.92
N ASN A 71 12.46 -17.27 -11.43
CA ASN A 71 12.07 -16.37 -12.51
C ASN A 71 12.45 -17.05 -13.82
N PRO A 72 11.64 -16.89 -14.89
CA PRO A 72 11.99 -17.51 -16.18
C PRO A 72 13.36 -17.14 -16.78
N ASP A 73 13.95 -16.02 -16.37
CA ASP A 73 15.35 -15.71 -16.69
C ASP A 73 16.40 -16.71 -16.11
N GLY A 74 15.98 -17.70 -15.29
CA GLY A 74 16.87 -18.66 -14.69
C GLY A 74 17.39 -18.35 -13.30
N ASN A 75 17.12 -17.17 -12.75
CA ASN A 75 17.54 -16.87 -11.40
C ASN A 75 16.46 -17.27 -10.43
N LEU A 76 16.87 -17.54 -9.20
CA LEU A 76 15.98 -17.68 -8.06
C LEU A 76 15.94 -16.31 -7.41
N ARG A 77 14.73 -15.81 -7.12
CA ARG A 77 14.56 -14.51 -6.51
C ARG A 77 13.71 -14.65 -5.26
N ASP A 78 14.14 -13.98 -4.19
CA ASP A 78 13.38 -13.91 -2.96
C ASP A 78 12.15 -12.99 -3.17
N ILE A 79 10.95 -13.57 -3.12
CA ILE A 79 9.69 -12.84 -3.28
C ILE A 79 9.16 -12.60 -1.88
N TYR A 80 8.98 -11.32 -1.53
CA TYR A 80 8.48 -10.95 -0.19
C TYR A 80 6.96 -10.97 -0.20
N TYR A 81 6.41 -12.16 -0.09
CA TYR A 81 4.96 -12.33 0.00
C TYR A 81 4.33 -11.55 1.18
N ALA A 82 5.11 -11.36 2.26
CA ALA A 82 4.67 -10.53 3.40
C ALA A 82 4.14 -9.14 3.00
N ARG A 83 4.76 -8.53 1.99
CA ARG A 83 4.36 -7.20 1.57
C ARG A 83 2.93 -7.22 0.98
N TYR A 84 2.60 -8.30 0.26
CA TYR A 84 1.28 -8.44 -0.33
C TYR A 84 0.20 -8.68 0.73
N ILE A 85 0.58 -9.39 1.81
CA ILE A 85 -0.32 -9.62 2.93
C ILE A 85 -0.63 -8.26 3.61
N ASP A 86 0.43 -7.48 3.86
CA ASP A 86 0.34 -6.08 4.28
C ASP A 86 -0.66 -5.31 3.41
N TRP A 87 -0.37 -5.27 2.11
CA TRP A 87 -1.16 -4.50 1.13
C TRP A 87 -2.61 -4.94 1.01
N PHE A 88 -2.86 -6.24 1.15
CA PHE A 88 -4.23 -6.78 1.19
C PHE A 88 -5.15 -6.06 2.20
N PHE A 89 -4.60 -5.74 3.39
CA PHE A 89 -5.33 -5.00 4.42
C PHE A 89 -5.10 -3.52 4.34
N THR A 90 -3.86 -3.08 4.12
CA THR A 90 -3.56 -1.66 4.21
C THR A 90 -4.02 -0.79 3.02
N THR A 91 -4.06 -1.35 1.80
CA THR A 91 -4.49 -0.56 0.65
C THR A 91 -6.03 -0.29 0.65
N PRO A 92 -6.87 -1.30 1.00
CA PRO A 92 -8.29 -0.96 1.25
C PRO A 92 -8.49 0.04 2.39
N LEU A 93 -7.67 -0.06 3.45
CA LEU A 93 -7.73 0.87 4.59
C LEU A 93 -7.35 2.29 4.18
N LEU A 94 -6.28 2.41 3.37
CA LEU A 94 -5.88 3.72 2.82
C LEU A 94 -6.98 4.35 1.98
N LEU A 95 -7.60 3.53 1.12
CA LEU A 95 -8.73 3.97 0.29
C LEU A 95 -9.91 4.40 1.17
N LEU A 96 -10.29 3.58 2.16
CA LEU A 96 -11.38 3.94 3.09
C LEU A 96 -11.16 5.22 3.87
N ASP A 97 -9.90 5.46 4.23
CA ASP A 97 -9.47 6.69 4.91
C ASP A 97 -9.90 7.96 4.15
N ILE A 98 -9.86 7.91 2.81
CA ILE A 98 -10.30 9.04 1.98
C ILE A 98 -11.74 8.89 1.47
N ILE A 99 -12.19 7.65 1.17
CA ILE A 99 -13.57 7.39 0.73
CA ILE A 99 -13.57 7.40 0.72
C ILE A 99 -14.58 7.79 1.81
N LEU A 100 -14.27 7.53 3.08
CA LEU A 100 -15.11 7.99 4.20
C LEU A 100 -15.35 9.51 4.27
N LEU A 101 -14.50 10.34 3.66
CA LEU A 101 -14.75 11.78 3.52
C LEU A 101 -15.93 12.15 2.62
N THR A 102 -16.25 11.26 1.67
CA THR A 102 -17.10 11.54 0.52
C THR A 102 -18.59 11.21 0.70
N GLY A 103 -18.93 10.36 1.67
CA GLY A 103 -20.30 9.92 1.87
C GLY A 103 -20.94 9.17 0.71
N ILE A 104 -20.17 8.57 -0.19
CA ILE A 104 -20.75 7.82 -1.33
C ILE A 104 -21.43 6.53 -0.83
N PRO A 105 -22.34 5.93 -1.60
CA PRO A 105 -22.98 4.71 -1.11
C PRO A 105 -21.99 3.54 -0.91
N ILE A 106 -22.25 2.71 0.11
CA ILE A 106 -21.44 1.53 0.42
C ILE A 106 -21.22 0.62 -0.80
N GLY A 107 -22.25 0.49 -1.65
CA GLY A 107 -22.18 -0.25 -2.90
C GLY A 107 -21.06 0.17 -3.83
N VAL A 108 -20.79 1.48 -3.87
CA VAL A 108 -19.71 2.03 -4.69
C VAL A 108 -18.33 1.76 -4.01
N THR A 109 -18.25 2.04 -2.71
CA THR A 109 -17.04 1.79 -1.92
C THR A 109 -16.61 0.32 -2.01
N LEU A 110 -17.60 -0.58 -1.95
CA LEU A 110 -17.41 -2.02 -2.05
C LEU A 110 -16.64 -2.40 -3.32
N TRP A 111 -17.13 -1.96 -4.51
CA TRP A 111 -16.42 -2.33 -5.76
C TRP A 111 -15.04 -1.66 -5.90
N ILE A 112 -14.83 -0.51 -5.25
CA ILE A 112 -13.52 0.16 -5.26
C ILE A 112 -12.53 -0.70 -4.47
N VAL A 113 -12.92 -1.10 -3.24
CA VAL A 113 -12.03 -1.92 -2.43
C VAL A 113 -11.82 -3.31 -3.06
N LEU A 114 -12.85 -3.88 -3.69
CA LEU A 114 -12.69 -5.18 -4.31
C LEU A 114 -11.78 -5.08 -5.53
N ALA A 115 -11.89 -4.00 -6.31
CA ALA A 115 -10.92 -3.74 -7.39
C ALA A 115 -9.47 -3.68 -6.85
N ASP A 116 -9.31 -3.01 -5.71
CA ASP A 116 -8.05 -2.90 -5.00
C ASP A 116 -7.50 -4.26 -4.50
N VAL A 117 -8.34 -5.08 -3.85
CA VAL A 117 -7.88 -6.39 -3.36
C VAL A 117 -7.51 -7.32 -4.54
N ALA A 118 -8.30 -7.27 -5.62
CA ALA A 118 -7.97 -7.98 -6.85
C ALA A 118 -6.61 -7.56 -7.40
N MET A 119 -6.35 -6.24 -7.42
CA MET A 119 -5.07 -5.67 -7.82
C MET A 119 -3.88 -6.30 -7.07
N ILE A 120 -4.01 -6.32 -5.75
CA ILE A 120 -2.97 -6.84 -4.86
C ILE A 120 -2.79 -8.35 -5.07
N MET A 121 -3.91 -9.09 -5.04
CA MET A 121 -3.90 -10.52 -5.16
C MET A 121 -3.31 -10.99 -6.47
N LEU A 122 -3.65 -10.31 -7.57
CA LEU A 122 -3.11 -10.67 -8.87
C LEU A 122 -1.62 -10.34 -8.95
N GLY A 123 -1.18 -9.25 -8.33
CA GLY A 123 0.25 -8.98 -8.17
C GLY A 123 0.98 -10.11 -7.43
N LEU A 124 0.37 -10.62 -6.34
CA LEU A 124 0.91 -11.72 -5.57
C LEU A 124 1.08 -12.96 -6.43
N PHE A 125 0.02 -13.32 -7.14
CA PHE A 125 0.02 -14.46 -8.03
C PHE A 125 1.08 -14.36 -9.13
N GLY A 126 1.20 -13.17 -9.73
CA GLY A 126 2.24 -12.86 -10.67
C GLY A 126 3.62 -13.02 -10.07
N ALA A 127 3.78 -12.52 -8.84
CA ALA A 127 5.05 -12.64 -8.13
C ALA A 127 5.45 -14.10 -7.81
N LEU A 128 4.46 -14.93 -7.51
CA LEU A 128 4.70 -16.35 -7.20
C LEU A 128 4.76 -17.24 -8.46
N SER A 129 4.45 -16.70 -9.62
CA SER A 129 4.51 -17.42 -10.90
C SER A 129 5.97 -17.68 -11.25
N THR A 130 6.26 -18.82 -11.85
CA THR A 130 7.62 -19.12 -12.34
C THR A 130 7.76 -18.95 -13.85
N ASN A 131 6.74 -18.44 -14.53
CA ASN A 131 6.69 -18.45 -16.00
C ASN A 131 6.17 -17.10 -16.55
N SER A 132 5.99 -17.01 -17.86
CA SER A 132 5.63 -15.75 -18.53
C SER A 132 4.20 -15.25 -18.31
N TYR A 133 3.31 -16.13 -17.85
CA TYR A 133 1.95 -15.78 -17.47
C TYR A 133 1.87 -14.80 -16.28
N ARG A 134 3.00 -14.62 -15.56
CA ARG A 134 3.24 -13.50 -14.66
C ARG A 134 2.76 -12.15 -15.23
N TRP A 135 2.94 -11.92 -16.54
CA TRP A 135 2.58 -10.67 -17.18
C TRP A 135 1.06 -10.49 -17.43
N GLY A 136 0.31 -11.58 -17.60
CA GLY A 136 -1.16 -11.52 -17.65
C GLY A 136 -1.72 -11.07 -16.30
N TYR A 137 -1.22 -11.66 -15.20
CA TYR A 137 -1.51 -11.19 -13.85
C TYR A 137 -1.24 -9.70 -13.70
N TYR A 138 -0.05 -9.28 -14.12
CA TYR A 138 0.38 -7.89 -14.00
C TYR A 138 -0.53 -6.91 -14.73
N GLY A 139 -0.80 -7.21 -16.00
CA GLY A 139 -1.64 -6.36 -16.84
C GLY A 139 -3.07 -6.21 -16.35
N VAL A 140 -3.68 -7.31 -15.90
CA VAL A 140 -5.06 -7.28 -15.38
C VAL A 140 -5.09 -6.54 -14.04
N SER A 141 -4.05 -6.74 -13.21
CA SER A 141 -3.88 -5.99 -11.99
C SER A 141 -3.76 -4.47 -12.24
N CYS A 142 -3.02 -4.08 -13.28
CA CYS A 142 -2.97 -2.68 -13.74
C CYS A 142 -4.35 -2.13 -14.15
N ALA A 143 -5.15 -2.96 -14.84
CA ALA A 143 -6.54 -2.59 -15.16
C ALA A 143 -7.36 -2.28 -13.88
N PHE A 144 -7.30 -3.20 -12.90
CA PHE A 144 -7.92 -3.01 -11.59
C PHE A 144 -7.40 -1.77 -10.86
N PHE A 145 -6.11 -1.44 -10.95
CA PHE A 145 -5.59 -0.18 -10.41
C PHE A 145 -6.34 1.03 -11.02
N PHE A 146 -6.55 0.97 -12.35
CA PHE A 146 -7.28 2.02 -13.06
C PHE A 146 -8.78 2.07 -12.66
N VAL A 147 -9.36 0.92 -12.34
CA VAL A 147 -10.71 0.89 -11.75
C VAL A 147 -10.76 1.65 -10.39
N VAL A 148 -9.75 1.41 -9.55
CA VAL A 148 -9.61 2.10 -8.28
C VAL A 148 -9.52 3.63 -8.49
N LEU A 149 -8.66 4.06 -9.41
CA LEU A 149 -8.45 5.48 -9.68
C LEU A 149 -9.73 6.12 -10.24
N TRP A 150 -10.44 5.41 -11.11
CA TRP A 150 -11.72 5.83 -11.62
C TRP A 150 -12.71 6.06 -10.47
N GLY A 151 -12.77 5.10 -9.54
CA GLY A 151 -13.56 5.20 -8.31
C GLY A 151 -13.25 6.46 -7.51
N LEU A 152 -11.97 6.76 -7.35
CA LEU A 152 -11.53 7.94 -6.60
C LEU A 152 -11.85 9.28 -7.31
N PHE A 153 -11.64 9.32 -8.62
CA PHE A 153 -11.75 10.57 -9.37
C PHE A 153 -13.11 10.84 -10.02
N PHE A 154 -14.06 9.91 -9.93
CA PHE A 154 -15.42 10.08 -10.47
C PHE A 154 -16.46 9.98 -9.33
N PRO A 155 -17.00 8.78 -8.98
CA PRO A 155 -17.99 8.83 -7.86
C PRO A 155 -17.47 9.38 -6.54
N GLY A 156 -16.26 9.02 -6.15
CA GLY A 156 -15.66 9.52 -4.91
C GLY A 156 -15.53 11.03 -4.94
N ALA A 157 -14.96 11.54 -6.03
CA ALA A 157 -14.81 12.97 -6.27
C ALA A 157 -16.17 13.72 -6.25
N LYS A 158 -17.20 13.16 -6.89
CA LYS A 158 -18.56 13.73 -6.87
C LYS A 158 -19.11 13.86 -5.45
N GLY A 159 -18.95 12.79 -4.67
CA GLY A 159 -19.31 12.79 -3.27
C GLY A 159 -18.67 13.90 -2.47
N ALA A 160 -17.37 14.07 -2.65
CA ALA A 160 -16.58 15.08 -1.93
C ALA A 160 -17.01 16.49 -2.28
N ARG A 161 -17.21 16.75 -3.59
CA ARG A 161 -17.64 18.06 -4.07
C ARG A 161 -19.07 18.40 -3.65
N ALA A 162 -19.92 17.28 -3.61
CA ALA A 162 -21.30 17.39 -3.12
C ALA A 162 -21.38 17.83 -1.64
N ARG A 163 -20.52 17.27 -0.79
CA ARG A 163 -20.38 17.58 0.66
C ARG A 163 -19.95 19.03 0.85
N GLY A 164 -18.94 19.37 0.06
CA GLY A 164 -18.38 20.72 0.12
C GLY A 164 -17.54 20.98 1.36
N GLY A 165 -17.29 22.27 1.59
CA GLY A 165 -16.52 22.72 2.74
C GLY A 165 -15.05 22.37 2.61
N GLN A 166 -14.47 21.86 3.68
CA GLN A 166 -13.06 21.40 3.71
C GLN A 166 -12.85 20.02 3.08
N VAL A 167 -13.93 19.27 2.83
CA VAL A 167 -13.83 17.91 2.28
C VAL A 167 -13.13 17.89 0.92
N PRO A 168 -13.57 18.69 -0.07
CA PRO A 168 -12.90 18.67 -1.39
C PRO A 168 -11.38 18.87 -1.36
N GLY A 169 -10.93 19.88 -0.61
CA GLY A 169 -9.52 20.20 -0.46
C GLY A 169 -8.72 19.05 0.12
N LEU A 170 -9.23 18.46 1.19
CA LEU A 170 -8.63 17.30 1.85
C LEU A 170 -8.69 16.06 0.97
N TYR A 171 -9.85 15.79 0.39
CA TYR A 171 -10.03 14.65 -0.47
C TYR A 171 -9.14 14.69 -1.73
N PHE A 172 -9.20 15.80 -2.46
CA PHE A 172 -8.42 15.91 -3.71
C PHE A 172 -6.91 15.99 -3.45
N GLY A 173 -6.51 16.61 -2.33
CA GLY A 173 -5.12 16.66 -1.90
C GLY A 173 -4.57 15.26 -1.60
N LEU A 174 -5.31 14.50 -0.79
CA LEU A 174 -4.91 13.15 -0.42
C LEU A 174 -5.04 12.16 -1.60
N ALA A 175 -6.13 12.25 -2.36
CA ALA A 175 -6.39 11.35 -3.49
C ALA A 175 -5.42 11.57 -4.64
N GLY A 176 -5.14 12.83 -4.95
CA GLY A 176 -4.12 13.22 -5.95
C GLY A 176 -2.72 12.74 -5.59
N TYR A 177 -2.33 12.94 -4.34
CA TYR A 177 -1.08 12.42 -3.80
C TYR A 177 -1.04 10.88 -3.87
N LEU A 178 -2.11 10.24 -3.41
CA LEU A 178 -2.26 8.81 -3.44
C LEU A 178 -2.14 8.28 -4.86
N ALA A 179 -2.87 8.88 -5.78
CA ALA A 179 -2.94 8.37 -7.15
C ALA A 179 -1.57 8.35 -7.79
N LEU A 180 -0.88 9.48 -7.70
CA LEU A 180 0.43 9.66 -8.29
C LEU A 180 1.44 8.69 -7.63
N LEU A 181 1.42 8.65 -6.30
CA LEU A 181 2.37 7.86 -5.54
C LEU A 181 2.24 6.36 -5.85
N TRP A 182 0.99 5.87 -5.90
CA TRP A 182 0.70 4.46 -6.09
C TRP A 182 1.16 3.92 -7.44
N PHE A 183 1.34 4.80 -8.45
CA PHE A 183 2.02 4.41 -9.73
C PHE A 183 3.42 3.83 -9.51
N GLY A 184 4.11 4.25 -8.45
CA GLY A 184 5.44 3.70 -8.09
C GLY A 184 5.46 2.18 -7.93
N TYR A 185 4.39 1.62 -7.38
CA TYR A 185 4.31 0.19 -7.06
C TYR A 185 4.37 -0.76 -8.29
N PRO A 186 3.46 -0.62 -9.28
CA PRO A 186 3.60 -1.43 -10.50
C PRO A 186 4.90 -1.18 -11.30
N ILE A 187 5.53 0.01 -11.12
CA ILE A 187 6.80 0.30 -11.80
C ILE A 187 7.90 -0.53 -11.15
N VAL A 188 7.96 -0.47 -9.83
CA VAL A 188 8.93 -1.23 -9.05
C VAL A 188 8.72 -2.72 -9.31
N TRP A 189 7.47 -3.16 -9.30
CA TRP A 189 7.15 -4.58 -9.50
C TRP A 189 7.64 -5.10 -10.85
N GLY A 190 7.36 -4.34 -11.91
CA GLY A 190 7.87 -4.59 -13.26
C GLY A 190 9.37 -4.77 -13.32
N LEU A 191 10.09 -3.92 -12.56
CA LEU A 191 11.55 -3.99 -12.40
C LEU A 191 12.07 -5.08 -11.45
N ALA A 192 11.28 -5.45 -10.43
CA ALA A 192 11.69 -6.38 -9.38
C ALA A 192 11.07 -7.79 -9.50
N GLU A 193 9.91 -8.03 -8.90
CA GLU A 193 9.27 -9.36 -8.94
C GLU A 193 9.00 -9.84 -10.37
N GLY A 194 8.64 -8.89 -11.25
CA GLY A 194 8.28 -9.17 -12.64
C GLY A 194 9.45 -9.65 -13.49
N SER A 195 10.38 -8.73 -13.75
CA SER A 195 11.48 -8.96 -14.64
C SER A 195 12.79 -9.41 -13.98
N ASP A 196 12.87 -9.34 -12.64
CA ASP A 196 14.11 -9.64 -11.90
C ASP A 196 15.30 -8.79 -12.41
N TYR A 197 15.02 -7.53 -12.70
CA TYR A 197 15.96 -6.60 -13.32
C TYR A 197 16.77 -5.87 -12.25
N ILE A 198 16.10 -5.32 -11.24
CA ILE A 198 16.78 -4.63 -10.13
C ILE A 198 17.05 -5.63 -9.02
N SER A 199 18.04 -5.31 -8.18
CA SER A 199 18.36 -6.13 -7.03
C SER A 199 17.23 -6.11 -6.02
N VAL A 200 17.21 -7.12 -5.16
CA VAL A 200 16.25 -7.21 -4.05
C VAL A 200 16.48 -6.06 -3.04
N THR A 201 17.73 -5.64 -2.86
CA THR A 201 18.01 -4.43 -2.05
C THR A 201 17.32 -3.20 -2.67
N ALA A 202 17.46 -3.04 -3.99
CA ALA A 202 16.84 -1.92 -4.72
C ALA A 202 15.32 -1.99 -4.63
N GLU A 203 14.78 -3.20 -4.74
CA GLU A 203 13.35 -3.46 -4.58
C GLU A 203 12.89 -3.01 -3.19
N ALA A 204 13.55 -3.58 -2.16
CA ALA A 204 13.22 -3.33 -0.76
C ALA A 204 13.25 -1.83 -0.43
N ALA A 205 14.33 -1.17 -0.83
CA ALA A 205 14.48 0.27 -0.63
C ALA A 205 13.39 1.08 -1.36
N SER A 206 13.03 0.66 -2.57
CA SER A 206 12.05 1.37 -3.39
C SER A 206 10.63 1.24 -2.84
N TYR A 207 10.24 0.00 -2.47
CA TYR A 207 8.97 -0.22 -1.83
C TYR A 207 8.91 0.45 -0.45
N ALA A 208 10.03 0.46 0.30
CA ALA A 208 10.12 1.14 1.59
C ALA A 208 9.88 2.64 1.48
N GLY A 209 10.57 3.28 0.52
CA GLY A 209 10.38 4.71 0.25
C GLY A 209 8.93 5.04 -0.07
N LEU A 210 8.34 4.24 -0.98
CA LEU A 210 6.94 4.37 -1.33
C LEU A 210 6.02 4.15 -0.11
N ASP A 211 6.28 3.12 0.68
CA ASP A 211 5.48 2.82 1.88
C ASP A 211 5.56 3.94 2.93
N ILE A 212 6.73 4.53 3.10
CA ILE A 212 6.93 5.67 4.01
C ILE A 212 6.08 6.86 3.55
N ALA A 213 6.14 7.14 2.25
CA ALA A 213 5.30 8.16 1.62
C ALA A 213 3.78 7.87 1.70
N ALA A 214 3.42 6.60 1.50
CA ALA A 214 2.01 6.20 1.39
C ALA A 214 1.32 5.95 2.71
N LYS A 215 2.10 5.75 3.78
CA LYS A 215 1.58 5.40 5.11
C LYS A 215 2.02 6.35 6.23
N VAL A 216 3.30 6.74 6.26
CA VAL A 216 3.84 7.60 7.32
C VAL A 216 3.43 9.03 6.97
N VAL A 217 3.86 9.52 5.82
CA VAL A 217 3.56 10.89 5.34
C VAL A 217 2.03 11.06 5.22
N PHE A 218 1.43 10.14 4.46
CA PHE A 218 -0.01 10.13 4.23
C PHE A 218 -0.79 10.09 5.55
N GLY A 219 -0.41 9.15 6.41
CA GLY A 219 -1.05 8.93 7.70
C GLY A 219 -0.94 10.12 8.64
N TRP A 220 0.24 10.73 8.71
CA TRP A 220 0.42 11.94 9.51
C TRP A 220 -0.47 13.11 8.98
N ALA A 221 -0.59 13.24 7.65
CA ALA A 221 -1.47 14.23 7.02
C ALA A 221 -2.94 13.99 7.37
N VAL A 222 -3.40 12.74 7.28
CA VAL A 222 -4.74 12.35 7.73
C VAL A 222 -4.93 12.70 9.21
N MET A 223 -4.03 12.21 10.06
CA MET A 223 -4.14 12.43 11.49
C MET A 223 -4.06 13.89 11.92
N LEU A 224 -3.22 14.70 11.25
CA LEU A 224 -3.11 16.14 11.52
C LEU A 224 -4.15 17.06 10.81
N SER A 225 -5.23 16.51 10.25
CA SER A 225 -6.30 17.33 9.67
C SER A 225 -7.75 16.92 10.11
N HIS A 226 -7.88 16.39 11.34
CA HIS A 226 -9.18 16.04 11.94
C HIS A 226 -9.92 17.29 12.38
#